data_3WBM
#
_entry.id   3WBM
#
_cell.length_a   169.890
_cell.length_b   69.760
_cell.length_c   48.130
_cell.angle_alpha   90.00
_cell.angle_beta   96.34
_cell.angle_gamma   90.00
#
_symmetry.space_group_name_H-M   'C 1 2 1'
#
loop_
_entity.id
_entity.type
_entity.pdbx_description
1 polymer 'DNA/RNA-binding protein Alba 1'
2 polymer 'RNA (25-MER)'
3 water water
#
loop_
_entity_poly.entity_id
_entity_poly.type
_entity_poly.pdbx_seq_one_letter_code
_entity_poly.pdbx_strand_id
1 'polypeptide(L)'
;MSSGTPTPSNVVLIGKKPVMNYVLAALTLLNQGVSEIVIKARGRAISKAVDTVEIVRNRFLPDKIEIKEIRVGSQVVTSQ
DGRQSRVSTIEIAIRKK
;
A,B,C,D
2 'polyribonucleotide' GGUAAGAGCACCCGACUGCUCUUCC X,Y
#
# COMPACT_ATOMS: atom_id res chain seq x y z
N THR A 5 -7.41 10.06 -8.82
CA THR A 5 -8.35 9.05 -9.32
C THR A 5 -8.45 7.75 -8.50
N PRO A 6 -7.34 7.26 -7.91
CA PRO A 6 -7.52 6.06 -7.10
C PRO A 6 -8.31 6.33 -5.82
N THR A 7 -9.27 5.48 -5.52
CA THR A 7 -10.06 5.58 -4.30
C THR A 7 -9.17 5.41 -3.08
N PRO A 8 -9.22 6.36 -2.13
CA PRO A 8 -8.38 6.34 -0.93
C PRO A 8 -8.54 5.06 -0.13
N SER A 9 -7.45 4.58 0.45
CA SER A 9 -7.45 3.27 1.10
C SER A 9 -7.62 3.33 2.61
N ASN A 10 -8.10 2.22 3.16
CA ASN A 10 -8.18 2.04 4.61
C ASN A 10 -7.48 0.74 4.98
N VAL A 11 -6.38 0.87 5.72
CA VAL A 11 -5.52 -0.27 5.97
C VAL A 11 -5.49 -0.73 7.42
N VAL A 12 -5.66 -2.02 7.61
CA VAL A 12 -5.45 -2.67 8.89
C VAL A 12 -4.12 -3.42 8.82
N LEU A 13 -3.19 -3.06 9.69
CA LEU A 13 -1.91 -3.73 9.75
C LEU A 13 -1.95 -4.86 10.76
N ILE A 14 -1.49 -6.04 10.36
CA ILE A 14 -1.47 -7.21 11.22
C ILE A 14 -0.13 -7.26 11.96
N GLY A 15 -0.17 -7.70 13.21
CA GLY A 15 1.03 -7.88 14.01
C GLY A 15 0.97 -9.20 14.76
N LYS A 16 1.53 -9.22 15.97
CA LYS A 16 1.57 -10.46 16.75
C LYS A 16 0.53 -10.52 17.87
N LYS A 17 -0.37 -9.54 17.91
CA LYS A 17 -1.48 -9.57 18.87
C LYS A 17 -2.48 -10.65 18.47
N PRO A 18 -3.37 -11.04 19.39
CA PRO A 18 -4.43 -12.01 19.06
C PRO A 18 -5.25 -11.54 17.86
N VAL A 19 -5.61 -12.46 16.98
CA VAL A 19 -6.22 -12.14 15.69
C VAL A 19 -7.50 -11.30 15.81
N MET A 20 -8.23 -11.50 16.90
CA MET A 20 -9.49 -10.81 17.12
C MET A 20 -9.35 -9.29 17.22
N ASN A 21 -8.17 -8.81 17.61
CA ASN A 21 -7.91 -7.37 17.59
C ASN A 21 -8.05 -6.83 16.18
N TYR A 22 -7.40 -7.51 15.23
CA TYR A 22 -7.38 -7.08 13.84
C TYR A 22 -8.74 -7.32 13.17
N VAL A 23 -9.37 -8.43 13.50
CA VAL A 23 -10.72 -8.71 13.02
C VAL A 23 -11.66 -7.60 13.47
N LEU A 24 -11.50 -7.18 14.72
CA LEU A 24 -12.31 -6.11 15.31
C LEU A 24 -12.09 -4.81 14.56
N ALA A 25 -10.82 -4.48 14.28
CA ALA A 25 -10.50 -3.28 13.52
C ALA A 25 -11.16 -3.28 12.15
N ALA A 26 -11.05 -4.42 11.47
CA ALA A 26 -11.61 -4.59 10.13
C ALA A 26 -13.14 -4.43 10.12
N LEU A 27 -13.80 -5.15 11.02
CA LEU A 27 -15.25 -5.10 11.13
C LEU A 27 -15.73 -3.70 11.47
N THR A 28 -15.02 -3.04 12.38
CA THR A 28 -15.32 -1.67 12.75
C THR A 28 -15.28 -0.77 11.52
N LEU A 29 -14.20 -0.86 10.75
CA LEU A 29 -14.08 -0.08 9.53
C LEU A 29 -15.22 -0.35 8.56
N LEU A 30 -15.56 -1.62 8.37
CA LEU A 30 -16.59 -2.00 7.41
C LEU A 30 -17.97 -1.52 7.83
N ASN A 31 -18.24 -1.54 9.13
CA ASN A 31 -19.56 -1.15 9.63
C ASN A 31 -19.75 0.37 9.66
N GLN A 32 -18.65 1.11 9.59
CA GLN A 32 -18.68 2.57 9.59
C GLN A 32 -19.01 3.16 8.22
N GLY A 33 -19.09 2.31 7.21
CA GLY A 33 -19.46 2.77 5.88
C GLY A 33 -18.39 2.59 4.82
N VAL A 34 -17.17 2.30 5.26
CA VAL A 34 -16.07 2.04 4.32
C VAL A 34 -16.37 0.76 3.53
N SER A 35 -16.39 0.87 2.21
CA SER A 35 -16.81 -0.24 1.35
C SER A 35 -15.67 -1.20 0.97
N GLU A 36 -14.43 -0.75 1.13
CA GLU A 36 -13.28 -1.56 0.81
C GLU A 36 -12.12 -1.30 1.77
N ILE A 37 -11.54 -2.37 2.30
CA ILE A 37 -10.38 -2.21 3.19
C ILE A 37 -9.23 -3.11 2.75
N VAL A 38 -8.04 -2.81 3.25
CA VAL A 38 -6.85 -3.59 2.92
C VAL A 38 -6.19 -4.15 4.18
N ILE A 39 -6.02 -5.48 4.21
CA ILE A 39 -5.34 -6.16 5.29
C ILE A 39 -3.88 -6.38 4.91
N LYS A 40 -2.96 -5.78 5.65
CA LYS A 40 -1.54 -5.88 5.32
C LYS A 40 -0.76 -6.63 6.38
N ALA A 41 0.26 -7.38 5.95
CA ALA A 41 1.14 -8.06 6.90
C ALA A 41 2.53 -8.35 6.34
N ARG A 42 3.48 -8.61 7.23
CA ARG A 42 4.84 -9.00 6.84
C ARG A 42 5.28 -10.22 7.64
N GLY A 43 6.15 -11.03 7.05
CA GLY A 43 6.69 -12.19 7.74
C GLY A 43 5.66 -13.22 8.13
N ARG A 44 5.87 -13.85 9.29
CA ARG A 44 4.97 -14.89 9.79
C ARG A 44 3.52 -14.40 9.91
N ALA A 45 3.37 -13.12 10.22
CA ALA A 45 2.04 -12.53 10.39
C ALA A 45 1.18 -12.65 9.13
N ILE A 46 1.83 -12.95 8.00
CA ILE A 46 1.09 -13.20 6.77
C ILE A 46 -0.02 -14.23 7.00
N SER A 47 0.29 -15.30 7.72
CA SER A 47 -0.73 -16.31 8.02
C SER A 47 -1.93 -15.65 8.70
N LYS A 48 -1.65 -14.87 9.73
CA LYS A 48 -2.71 -14.21 10.49
C LYS A 48 -3.52 -13.28 9.60
N ALA A 49 -2.87 -12.64 8.63
CA ALA A 49 -3.59 -11.75 7.73
C ALA A 49 -4.70 -12.53 7.07
N VAL A 50 -4.34 -13.70 6.54
CA VAL A 50 -5.32 -14.55 5.88
C VAL A 50 -6.43 -14.86 6.88
N ASP A 51 -6.03 -15.25 8.09
CA ASP A 51 -6.98 -15.58 9.14
C ASP A 51 -7.97 -14.45 9.28
N THR A 52 -7.45 -13.23 9.40
CA THR A 52 -8.29 -12.07 9.67
C THR A 52 -9.36 -12.03 8.58
N VAL A 53 -8.90 -12.08 7.33
CA VAL A 53 -9.80 -11.97 6.20
C VAL A 53 -10.89 -13.03 6.31
N GLU A 54 -10.47 -14.28 6.52
CA GLU A 54 -11.42 -15.37 6.53
C GLU A 54 -12.42 -15.17 7.66
N ILE A 55 -11.91 -14.77 8.82
CA ILE A 55 -12.76 -14.62 9.98
C ILE A 55 -13.77 -13.52 9.70
N VAL A 56 -13.33 -12.48 8.98
CA VAL A 56 -14.21 -11.38 8.66
C VAL A 56 -15.30 -11.85 7.71
N ARG A 57 -14.94 -12.70 6.76
CA ARG A 57 -15.88 -13.03 5.69
C ARG A 57 -16.79 -14.21 6.01
N ASN A 58 -16.41 -15.02 7.00
CA ASN A 58 -17.12 -16.25 7.27
C ASN A 58 -17.96 -16.24 8.55
N ARG A 59 -17.56 -15.42 9.51
CA ARG A 59 -18.21 -15.43 10.81
C ARG A 59 -19.18 -14.26 11.01
N PHE A 60 -18.91 -13.13 10.34
CA PHE A 60 -19.70 -11.92 10.58
C PHE A 60 -20.50 -11.46 9.37
N LEU A 61 -19.87 -11.45 8.21
CA LEU A 61 -20.54 -11.00 7.01
C LEU A 61 -20.52 -12.05 5.89
N PRO A 62 -21.13 -13.22 6.13
CA PRO A 62 -21.13 -14.24 5.07
C PRO A 62 -21.95 -13.78 3.86
N ASP A 63 -21.41 -14.04 2.67
CA ASP A 63 -22.03 -13.62 1.42
C ASP A 63 -22.21 -12.11 1.33
N LYS A 64 -21.29 -11.37 1.95
CA LYS A 64 -21.31 -9.91 1.88
C LYS A 64 -19.94 -9.34 1.52
N ILE A 65 -18.89 -10.06 1.87
CA ILE A 65 -17.51 -9.61 1.64
C ILE A 65 -16.82 -10.46 0.59
N GLU A 66 -16.21 -9.81 -0.40
CA GLU A 66 -15.45 -10.53 -1.43
C GLU A 66 -14.00 -10.08 -1.45
N ILE A 67 -13.11 -10.95 -1.92
CA ILE A 67 -11.71 -10.60 -2.09
C ILE A 67 -11.55 -9.81 -3.38
N LYS A 68 -11.08 -8.58 -3.27
CA LYS A 68 -10.88 -7.75 -4.45
C LYS A 68 -9.53 -8.06 -5.08
N GLU A 69 -8.48 -8.06 -4.26
CA GLU A 69 -7.14 -8.27 -4.82
C GLU A 69 -6.15 -8.80 -3.79
N ILE A 70 -5.26 -9.70 -4.20
CA ILE A 70 -4.19 -10.16 -3.32
C ILE A 70 -2.84 -9.91 -3.95
N ARG A 71 -1.96 -9.23 -3.21
CA ARG A 71 -0.62 -8.92 -3.68
C ARG A 71 0.42 -9.44 -2.71
N VAL A 72 1.41 -10.16 -3.21
CA VAL A 72 2.54 -10.55 -2.37
C VAL A 72 3.80 -9.83 -2.83
N GLY A 73 4.73 -9.61 -1.91
CA GLY A 73 5.96 -8.91 -2.25
C GLY A 73 7.09 -9.20 -1.28
N SER A 74 8.15 -8.40 -1.37
CA SER A 74 9.31 -8.55 -0.51
C SER A 74 9.85 -7.18 -0.08
N GLN A 75 10.39 -7.13 1.13
CA GLN A 75 11.04 -5.93 1.64
C GLN A 75 12.42 -6.27 2.17
N VAL A 76 13.39 -5.38 1.93
CA VAL A 76 14.76 -5.61 2.38
C VAL A 76 14.91 -5.32 3.87
N VAL A 77 15.52 -6.25 4.59
CA VAL A 77 15.81 -6.07 6.01
C VAL A 77 17.26 -6.42 6.33
N SER A 85 19.00 -8.78 4.59
CA SER A 85 18.09 -9.92 4.43
C SER A 85 16.77 -9.49 3.77
N ARG A 86 15.76 -10.33 3.89
CA ARG A 86 14.49 -10.09 3.20
C ARG A 86 13.32 -10.65 4.00
N VAL A 87 12.18 -9.95 3.96
CA VAL A 87 10.95 -10.43 4.58
C VAL A 87 9.81 -10.34 3.58
N SER A 88 8.90 -11.30 3.61
CA SER A 88 7.76 -11.31 2.68
C SER A 88 6.66 -10.36 3.14
N THR A 89 5.85 -9.92 2.19
CA THR A 89 4.73 -9.01 2.48
C THR A 89 3.47 -9.50 1.79
N ILE A 90 2.32 -9.26 2.41
CA ILE A 90 1.05 -9.50 1.76
C ILE A 90 0.09 -8.33 1.97
N GLU A 91 -0.72 -8.08 0.95
CA GLU A 91 -1.80 -7.11 1.01
C GLU A 91 -3.06 -7.75 0.42
N ILE A 92 -4.13 -7.77 1.20
CA ILE A 92 -5.38 -8.36 0.77
C ILE A 92 -6.50 -7.32 0.81
N ALA A 93 -6.95 -6.89 -0.36
CA ALA A 93 -8.03 -5.93 -0.49
C ALA A 93 -9.36 -6.66 -0.57
N ILE A 94 -10.23 -6.37 0.40
CA ILE A 94 -11.56 -6.95 0.46
C ILE A 94 -12.63 -5.86 0.37
N ARG A 95 -13.80 -6.24 -0.15
CA ARG A 95 -14.82 -5.26 -0.50
C ARG A 95 -16.23 -5.83 -0.29
N LYS A 96 -17.17 -4.96 0.06
CA LYS A 96 -18.57 -5.35 0.16
C LYS A 96 -19.14 -5.67 -1.21
N LYS A 97 -19.89 -6.76 -1.31
CA LYS A 97 -20.51 -7.16 -2.56
C LYS A 97 -21.59 -6.17 -2.98
N THR B 7 -3.28 -35.38 -5.63
CA THR B 7 -2.53 -34.13 -5.77
C THR B 7 -1.83 -34.06 -7.12
N PRO B 8 -2.11 -33.01 -7.91
CA PRO B 8 -1.49 -32.81 -9.21
C PRO B 8 0.03 -32.77 -9.11
N SER B 9 0.70 -33.15 -10.20
CA SER B 9 2.17 -33.25 -10.21
C SER B 9 2.86 -31.89 -10.13
N ASN B 10 2.14 -30.83 -10.49
CA ASN B 10 2.73 -29.49 -10.47
C ASN B 10 2.50 -28.76 -9.14
N VAL B 11 2.14 -29.51 -8.10
CA VAL B 11 1.86 -28.91 -6.79
C VAL B 11 3.01 -29.13 -5.80
N VAL B 12 3.39 -28.04 -5.12
CA VAL B 12 4.34 -28.10 -4.03
C VAL B 12 3.62 -27.78 -2.72
N LEU B 13 3.50 -28.79 -1.86
CA LEU B 13 2.84 -28.62 -0.57
C LEU B 13 3.84 -28.21 0.49
N ILE B 14 3.62 -27.06 1.10
CA ILE B 14 4.49 -26.54 2.16
C ILE B 14 4.20 -27.22 3.49
N GLY B 15 5.25 -27.64 4.18
CA GLY B 15 5.12 -28.24 5.50
C GLY B 15 5.98 -27.53 6.52
N LYS B 16 6.64 -28.31 7.38
CA LYS B 16 7.44 -27.73 8.47
C LYS B 16 8.92 -27.61 8.13
N LYS B 17 9.31 -28.11 6.96
CA LYS B 17 10.71 -28.09 6.56
C LYS B 17 11.19 -26.67 6.26
N PRO B 18 12.51 -26.43 6.37
CA PRO B 18 13.07 -25.13 5.99
C PRO B 18 12.67 -24.76 4.56
N VAL B 19 12.50 -23.46 4.33
CA VAL B 19 11.99 -22.95 3.05
C VAL B 19 12.82 -23.41 1.84
N MET B 20 14.11 -23.64 2.06
CA MET B 20 15.01 -24.08 1.00
C MET B 20 14.54 -25.37 0.33
N ASN B 21 13.96 -26.28 1.11
CA ASN B 21 13.45 -27.54 0.57
C ASN B 21 12.36 -27.32 -0.48
N TYR B 22 11.43 -26.43 -0.17
CA TYR B 22 10.31 -26.16 -1.06
C TYR B 22 10.74 -25.29 -2.24
N VAL B 23 11.69 -24.41 -2.00
CA VAL B 23 12.30 -23.63 -3.08
C VAL B 23 12.94 -24.59 -4.09
N LEU B 24 13.69 -25.56 -3.57
CA LEU B 24 14.34 -26.56 -4.42
C LEU B 24 13.33 -27.42 -5.18
N ALA B 25 12.24 -27.80 -4.52
CA ALA B 25 11.20 -28.57 -5.20
C ALA B 25 10.55 -27.78 -6.35
N ALA B 26 10.25 -26.51 -6.07
CA ALA B 26 9.64 -25.63 -7.06
C ALA B 26 10.56 -25.43 -8.27
N LEU B 27 11.83 -25.14 -7.99
CA LEU B 27 12.81 -24.90 -9.04
C LEU B 27 13.08 -26.17 -9.84
N THR B 28 13.04 -27.31 -9.17
CA THR B 28 13.22 -28.59 -9.84
C THR B 28 12.10 -28.80 -10.85
N LEU B 29 10.86 -28.58 -10.40
CA LEU B 29 9.72 -28.66 -11.30
C LEU B 29 9.86 -27.73 -12.50
N LEU B 30 10.14 -26.47 -12.24
CA LEU B 30 10.28 -25.47 -13.30
C LEU B 30 11.40 -25.82 -14.28
N ASN B 31 12.48 -26.40 -13.76
CA ASN B 31 13.64 -26.73 -14.57
C ASN B 31 13.44 -28.01 -15.37
N GLN B 32 12.50 -28.84 -14.92
CA GLN B 32 12.17 -30.07 -15.64
C GLN B 32 11.16 -29.83 -16.77
N GLY B 33 10.83 -28.58 -17.02
CA GLY B 33 9.95 -28.24 -18.13
C GLY B 33 8.51 -27.93 -17.77
N VAL B 34 8.18 -27.97 -16.49
CA VAL B 34 6.84 -27.62 -16.03
C VAL B 34 6.67 -26.11 -16.06
N SER B 35 5.69 -25.63 -16.83
CA SER B 35 5.55 -24.21 -17.09
C SER B 35 4.82 -23.45 -15.98
N GLU B 36 3.90 -24.13 -15.30
CA GLU B 36 3.16 -23.52 -14.21
C GLU B 36 3.10 -24.46 -13.00
N ILE B 37 3.41 -23.93 -11.83
CA ILE B 37 3.34 -24.72 -10.60
C ILE B 37 2.49 -24.02 -9.56
N VAL B 38 1.98 -24.80 -8.60
CA VAL B 38 1.12 -24.26 -7.56
C VAL B 38 1.66 -24.58 -6.17
N ILE B 39 1.96 -23.53 -5.40
CA ILE B 39 2.45 -23.69 -4.03
C ILE B 39 1.29 -23.59 -3.06
N LYS B 40 1.08 -24.62 -2.26
CA LYS B 40 -0.07 -24.66 -1.34
C LYS B 40 0.37 -24.75 0.11
N ALA B 41 -0.34 -24.06 0.99
CA ALA B 41 -0.04 -24.15 2.42
C ALA B 41 -1.28 -23.90 3.28
N ARG B 42 -1.17 -24.24 4.56
CA ARG B 42 -2.26 -24.00 5.50
C ARG B 42 -1.66 -23.52 6.82
N GLY B 43 -2.43 -22.72 7.56
CA GLY B 43 -2.01 -22.23 8.85
C GLY B 43 -0.73 -21.41 8.81
N ARG B 44 0.11 -21.59 9.83
CA ARG B 44 1.35 -20.81 9.98
C ARG B 44 2.31 -20.99 8.80
N ALA B 45 2.14 -22.08 8.06
CA ALA B 45 3.02 -22.35 6.92
C ALA B 45 2.72 -21.41 5.74
N ILE B 46 1.58 -20.72 5.80
CA ILE B 46 1.19 -19.81 4.74
C ILE B 46 2.29 -18.79 4.41
N SER B 47 2.89 -18.18 5.43
CA SER B 47 3.96 -17.22 5.21
C SER B 47 5.11 -17.88 4.44
N LYS B 48 5.43 -19.11 4.82
CA LYS B 48 6.50 -19.85 4.16
C LYS B 48 6.19 -20.00 2.67
N ALA B 49 4.92 -20.25 2.36
CA ALA B 49 4.51 -20.37 0.97
C ALA B 49 4.92 -19.11 0.24
N VAL B 50 4.55 -17.96 0.82
CA VAL B 50 4.88 -16.69 0.20
C VAL B 50 6.39 -16.58 0.04
N ASP B 51 7.12 -16.93 1.10
CA ASP B 51 8.58 -16.88 1.07
C ASP B 51 9.07 -17.64 -0.13
N THR B 52 8.57 -18.87 -0.28
CA THR B 52 9.03 -19.77 -1.33
C THR B 52 8.88 -19.05 -2.65
N VAL B 53 7.67 -18.53 -2.88
CA VAL B 53 7.36 -17.90 -4.15
C VAL B 53 8.32 -16.74 -4.36
N GLU B 54 8.47 -15.91 -3.33
CA GLU B 54 9.30 -14.72 -3.44
C GLU B 54 10.75 -15.09 -3.73
N ILE B 55 11.19 -16.21 -3.18
CA ILE B 55 12.58 -16.61 -3.39
C ILE B 55 12.73 -17.09 -4.82
N VAL B 56 11.72 -17.79 -5.32
CA VAL B 56 11.81 -18.39 -6.66
C VAL B 56 11.83 -17.33 -7.76
N ARG B 57 10.93 -16.35 -7.67
CA ARG B 57 10.76 -15.39 -8.74
C ARG B 57 11.71 -14.19 -8.70
N ASN B 58 12.26 -13.89 -7.53
CA ASN B 58 13.08 -12.69 -7.37
C ASN B 58 14.57 -12.97 -7.30
N ARG B 59 14.93 -14.14 -6.80
CA ARG B 59 16.34 -14.47 -6.60
C ARG B 59 16.85 -15.46 -7.65
N PHE B 60 16.09 -16.53 -7.86
CA PHE B 60 16.51 -17.59 -8.77
C PHE B 60 16.20 -17.32 -10.24
N LEU B 61 14.98 -16.85 -10.51
CA LEU B 61 14.55 -16.63 -11.89
C LEU B 61 13.98 -15.22 -12.12
N PRO B 62 14.83 -14.19 -12.02
CA PRO B 62 14.38 -12.80 -12.19
C PRO B 62 13.78 -12.55 -13.57
N ASP B 63 12.65 -11.84 -13.60
CA ASP B 63 11.99 -11.46 -14.85
C ASP B 63 11.52 -12.65 -15.70
N LYS B 64 11.39 -13.81 -15.08
CA LYS B 64 10.97 -15.01 -15.82
C LYS B 64 9.70 -15.64 -15.25
N ILE B 65 9.37 -15.30 -14.01
CA ILE B 65 8.22 -15.91 -13.34
C ILE B 65 7.11 -14.90 -13.03
N GLU B 66 5.89 -15.23 -13.43
CA GLU B 66 4.72 -14.42 -13.12
C GLU B 66 3.92 -15.05 -11.99
N ILE B 67 3.34 -14.21 -11.14
CA ILE B 67 2.32 -14.68 -10.21
C ILE B 67 1.02 -14.79 -10.98
N LYS B 68 0.61 -16.01 -11.27
CA LYS B 68 -0.60 -16.21 -12.07
C LYS B 68 -1.84 -15.94 -11.23
N GLU B 69 -1.93 -16.57 -10.06
CA GLU B 69 -3.13 -16.43 -9.26
C GLU B 69 -2.90 -16.72 -7.78
N ILE B 70 -3.61 -16.01 -6.91
CA ILE B 70 -3.56 -16.30 -5.49
C ILE B 70 -4.97 -16.53 -4.94
N ARG B 71 -5.16 -17.67 -4.29
CA ARG B 71 -6.45 -17.98 -3.67
C ARG B 71 -6.30 -18.28 -2.19
N VAL B 72 -7.08 -17.60 -1.36
CA VAL B 72 -7.11 -17.91 0.06
C VAL B 72 -8.41 -18.61 0.42
N GLY B 73 -8.43 -19.31 1.54
CA GLY B 73 -9.62 -20.02 1.97
C GLY B 73 -9.56 -20.53 3.38
N SER B 74 -10.51 -21.40 3.73
CA SER B 74 -10.58 -21.99 5.06
C SER B 74 -10.95 -23.46 4.99
N GLN B 75 -10.39 -24.24 5.91
CA GLN B 75 -10.73 -25.67 6.00
C GLN B 75 -10.97 -26.04 7.46
N VAL B 76 -11.84 -27.03 7.67
CA VAL B 76 -12.21 -27.46 9.01
C VAL B 76 -11.32 -28.61 9.49
N VAL B 77 -10.74 -28.44 10.68
CA VAL B 77 -9.91 -29.47 11.27
C VAL B 77 -10.43 -29.88 12.65
N SER B 85 -11.77 -27.12 14.73
CA SER B 85 -11.27 -25.76 14.56
C SER B 85 -11.18 -25.39 13.09
N ARG B 86 -10.90 -24.11 12.81
CA ARG B 86 -10.73 -23.66 11.44
C ARG B 86 -9.27 -23.32 11.16
N VAL B 87 -8.84 -23.56 9.93
CA VAL B 87 -7.48 -23.22 9.52
C VAL B 87 -7.51 -22.51 8.18
N SER B 88 -6.68 -21.49 8.02
CA SER B 88 -6.61 -20.77 6.75
C SER B 88 -5.77 -21.54 5.75
N THR B 89 -6.06 -21.35 4.46
CA THR B 89 -5.31 -22.00 3.40
C THR B 89 -4.93 -20.99 2.33
N ILE B 90 -3.80 -21.23 1.66
CA ILE B 90 -3.40 -20.42 0.52
C ILE B 90 -2.90 -21.29 -0.63
N GLU B 91 -3.20 -20.86 -1.85
CA GLU B 91 -2.69 -21.47 -3.07
C GLU B 91 -2.15 -20.37 -3.96
N ILE B 92 -0.90 -20.52 -4.39
CA ILE B 92 -0.25 -19.54 -5.24
C ILE B 92 0.22 -20.20 -6.52
N ALA B 93 -0.44 -19.89 -7.61
CA ALA B 93 -0.06 -20.38 -8.92
C ALA B 93 0.90 -19.40 -9.58
N ILE B 94 2.07 -19.91 -9.94
CA ILE B 94 3.10 -19.12 -10.65
C ILE B 94 3.46 -19.80 -11.97
N ARG B 95 3.85 -18.99 -12.95
CA ARG B 95 4.14 -19.51 -14.28
C ARG B 95 5.29 -18.74 -14.94
N LYS B 96 5.92 -19.40 -15.91
CA LYS B 96 6.97 -18.75 -16.69
C LYS B 96 6.38 -17.74 -17.65
N LYS B 97 7.08 -16.63 -17.86
CA LYS B 97 6.64 -15.61 -18.80
C LYS B 97 6.66 -16.15 -20.23
N THR C 5 20.84 -11.24 -12.27
CA THR C 5 20.65 -10.10 -11.39
C THR C 5 19.27 -10.13 -10.73
N PRO C 6 19.23 -10.29 -9.40
CA PRO C 6 17.97 -10.39 -8.65
C PRO C 6 17.12 -9.14 -8.79
N THR C 7 15.80 -9.31 -8.84
CA THR C 7 14.88 -8.20 -8.98
C THR C 7 14.68 -7.47 -7.64
N PRO C 8 15.10 -6.20 -7.59
CA PRO C 8 14.91 -5.40 -6.38
C PRO C 8 13.48 -4.91 -6.29
N SER C 9 13.01 -4.64 -5.07
CA SER C 9 11.70 -4.04 -4.86
C SER C 9 11.69 -2.65 -5.50
N ASN C 10 10.60 -2.30 -6.16
CA ASN C 10 10.48 -0.98 -6.76
C ASN C 10 9.84 0.02 -5.81
N VAL C 11 9.81 -0.32 -4.53
CA VAL C 11 9.19 0.55 -3.53
C VAL C 11 10.23 1.26 -2.68
N VAL C 12 10.12 2.58 -2.59
CA VAL C 12 10.96 3.37 -1.70
C VAL C 12 10.12 3.87 -0.54
N LEU C 13 10.35 3.30 0.64
CA LEU C 13 9.61 3.70 1.84
C LEU C 13 10.30 4.88 2.52
N ILE C 14 9.60 6.01 2.58
CA ILE C 14 10.14 7.17 3.25
C ILE C 14 10.07 6.98 4.75
N GLY C 15 11.15 7.31 5.45
CA GLY C 15 11.20 7.15 6.89
C GLY C 15 11.86 8.33 7.58
N LYS C 16 12.68 8.02 8.58
CA LYS C 16 13.26 9.06 9.43
C LYS C 16 14.54 9.67 8.86
N LYS C 17 15.08 9.06 7.81
CA LYS C 17 16.34 9.51 7.21
C LYS C 17 16.17 10.82 6.44
N PRO C 18 17.29 11.51 6.15
CA PRO C 18 17.22 12.71 5.31
C PRO C 18 16.69 12.40 3.92
N VAL C 19 16.08 13.39 3.28
CA VAL C 19 15.49 13.25 1.95
C VAL C 19 16.49 12.68 0.94
N MET C 20 17.74 13.11 1.04
CA MET C 20 18.79 12.68 0.11
C MET C 20 18.94 11.16 0.05
N ASN C 21 18.77 10.49 1.19
CA ASN C 21 18.80 9.03 1.22
C ASN C 21 17.81 8.40 0.24
N TYR C 22 16.58 8.92 0.27
CA TYR C 22 15.51 8.36 -0.53
C TYR C 22 15.60 8.81 -1.99
N VAL C 23 16.05 10.05 -2.20
CA VAL C 23 16.32 10.53 -3.55
C VAL C 23 17.35 9.59 -4.19
N LEU C 24 18.39 9.26 -3.43
CA LEU C 24 19.43 8.37 -3.93
C LEU C 24 18.93 6.96 -4.19
N ALA C 25 18.08 6.46 -3.29
CA ALA C 25 17.47 5.14 -3.50
C ALA C 25 16.64 5.09 -4.78
N ALA C 26 15.80 6.10 -4.97
CA ALA C 26 14.94 6.20 -6.14
C ALA C 26 15.73 6.32 -7.45
N LEU C 27 16.74 7.20 -7.44
CA LEU C 27 17.58 7.38 -8.61
C LEU C 27 18.40 6.13 -8.92
N THR C 28 18.80 5.43 -7.88
CA THR C 28 19.54 4.18 -8.05
C THR C 28 18.63 3.15 -8.73
N LEU C 29 17.39 3.08 -8.29
CA LEU C 29 16.41 2.19 -8.92
C LEU C 29 16.20 2.55 -10.39
N LEU C 30 15.94 3.83 -10.65
CA LEU C 30 15.68 4.29 -12.02
C LEU C 30 16.89 4.08 -12.94
N ASN C 31 18.08 4.18 -12.38
CA ASN C 31 19.30 4.05 -13.17
C ASN C 31 19.67 2.59 -13.42
N GLN C 32 19.02 1.68 -12.69
CA GLN C 32 19.28 0.26 -12.83
C GLN C 32 18.24 -0.44 -13.70
N GLY C 33 17.56 0.32 -14.56
CA GLY C 33 16.62 -0.24 -15.50
C GLY C 33 15.22 -0.46 -14.96
N VAL C 34 14.92 0.09 -13.79
CA VAL C 34 13.56 0.02 -13.26
C VAL C 34 12.73 1.15 -13.84
N SER C 35 11.69 0.78 -14.57
CA SER C 35 10.88 1.76 -15.31
C SER C 35 9.92 2.53 -14.42
N GLU C 36 9.35 1.86 -13.43
CA GLU C 36 8.37 2.49 -12.55
C GLU C 36 8.65 2.19 -11.08
N ILE C 37 8.63 3.23 -10.25
CA ILE C 37 8.85 3.06 -8.82
C ILE C 37 7.73 3.72 -8.02
N VAL C 38 7.53 3.26 -6.79
CA VAL C 38 6.50 3.82 -5.93
C VAL C 38 7.10 4.37 -4.64
N ILE C 39 6.87 5.66 -4.38
CA ILE C 39 7.34 6.29 -3.15
C ILE C 39 6.22 6.28 -2.11
N LYS C 40 6.46 5.61 -0.99
CA LYS C 40 5.42 5.49 0.03
C LYS C 40 5.81 6.18 1.33
N ALA C 41 4.85 6.76 2.02
CA ALA C 41 5.10 7.41 3.30
C ALA C 41 3.87 7.45 4.20
N ARG C 42 4.09 7.62 5.50
CA ARG C 42 3.02 7.75 6.47
C ARG C 42 3.24 8.95 7.38
N GLY C 43 2.15 9.61 7.78
CA GLY C 43 2.25 10.75 8.69
C GLY C 43 3.00 11.92 8.09
N ARG C 44 3.75 12.63 8.93
CA ARG C 44 4.50 13.83 8.51
C ARG C 44 5.44 13.57 7.33
N ALA C 45 5.98 12.35 7.27
CA ALA C 45 6.91 11.97 6.20
C ALA C 45 6.28 12.07 4.83
N ILE C 46 4.96 12.21 4.78
CA ILE C 46 4.27 12.45 3.51
C ILE C 46 4.90 13.66 2.81
N SER C 47 5.22 14.71 3.56
CA SER C 47 5.90 15.87 2.96
C SER C 47 7.21 15.42 2.30
N LYS C 48 8.00 14.65 3.03
CA LYS C 48 9.26 14.15 2.51
C LYS C 48 9.03 13.39 1.21
N ALA C 49 7.94 12.60 1.18
CA ALA C 49 7.65 11.80 0.01
C ALA C 49 7.55 12.74 -1.18
N VAL C 50 6.73 13.78 -1.01
CA VAL C 50 6.57 14.75 -2.10
C VAL C 50 7.92 15.34 -2.46
N ASP C 51 8.70 15.72 -1.45
CA ASP C 51 10.02 16.31 -1.69
C ASP C 51 10.79 15.37 -2.59
N THR C 52 10.85 14.11 -2.18
CA THR C 52 11.62 13.11 -2.90
C THR C 52 11.21 13.15 -4.37
N VAL C 53 9.91 13.02 -4.60
CA VAL C 53 9.40 12.95 -5.96
C VAL C 53 9.84 14.17 -6.75
N GLU C 54 9.61 15.35 -6.17
CA GLU C 54 9.92 16.58 -6.88
C GLU C 54 11.40 16.62 -7.19
N ILE C 55 12.19 16.25 -6.19
CA ILE C 55 13.63 16.32 -6.32
C ILE C 55 14.09 15.38 -7.43
N VAL C 56 13.41 14.24 -7.54
CA VAL C 56 13.77 13.27 -8.56
C VAL C 56 13.41 13.80 -9.95
N ARG C 57 12.27 14.50 -10.05
CA ARG C 57 11.75 14.88 -11.35
C ARG C 57 12.29 16.19 -11.94
N ASN C 58 12.08 17.30 -11.23
CA ASN C 58 12.35 18.62 -11.77
C ASN C 58 13.83 18.99 -11.74
N ARG C 59 14.60 18.25 -10.97
CA ARG C 59 15.96 18.66 -10.67
C ARG C 59 17.01 17.75 -11.30
N PHE C 60 16.76 16.44 -11.26
CA PHE C 60 17.82 15.49 -11.55
C PHE C 60 17.53 14.53 -12.69
N LEU C 61 16.25 14.36 -13.01
CA LEU C 61 15.84 13.68 -14.22
C LEU C 61 14.77 14.54 -14.91
N PRO C 62 15.24 15.74 -15.47
CA PRO C 62 14.16 16.60 -15.98
C PRO C 62 13.62 16.18 -17.36
N ASP C 63 12.31 16.15 -17.48
CA ASP C 63 11.64 15.84 -18.73
C ASP C 63 11.55 14.34 -19.00
N LYS C 64 12.02 13.54 -18.05
CA LYS C 64 12.04 12.10 -18.25
C LYS C 64 11.06 11.32 -17.37
N ILE C 65 10.53 11.94 -16.33
CA ILE C 65 9.71 11.20 -15.37
C ILE C 65 8.27 11.69 -15.21
N GLU C 66 7.33 10.76 -15.28
CA GLU C 66 5.92 11.05 -15.10
C GLU C 66 5.37 10.54 -13.78
N ILE C 67 4.62 11.38 -13.07
CA ILE C 67 3.85 10.91 -11.94
C ILE C 67 2.68 10.09 -12.47
N LYS C 68 2.78 8.78 -12.35
CA LYS C 68 1.73 7.89 -12.84
C LYS C 68 0.46 8.05 -12.01
N GLU C 69 0.60 7.96 -10.69
CA GLU C 69 -0.59 8.09 -9.84
C GLU C 69 -0.30 8.48 -8.39
N ILE C 70 -1.27 9.13 -7.76
CA ILE C 70 -1.15 9.48 -6.35
C ILE C 70 -2.32 8.90 -5.56
N ARG C 71 -2.01 8.05 -4.60
CA ARG C 71 -3.03 7.43 -3.77
C ARG C 71 -2.85 7.81 -2.31
N VAL C 72 -3.85 8.42 -1.71
CA VAL C 72 -3.79 8.74 -0.28
C VAL C 72 -4.63 7.73 0.49
N GLY C 73 -4.47 7.70 1.80
CA GLY C 73 -5.29 6.83 2.61
C GLY C 73 -5.13 7.00 4.10
N SER C 74 -5.70 6.05 4.85
CA SER C 74 -5.60 6.04 6.31
C SER C 74 -5.27 4.65 6.80
N GLN C 75 -4.40 4.59 7.80
CA GLN C 75 -4.05 3.33 8.44
C GLN C 75 -4.41 3.41 9.91
N VAL C 76 -5.14 2.40 10.37
CA VAL C 76 -5.53 2.29 11.76
C VAL C 76 -4.30 2.03 12.62
N VAL C 77 -4.18 2.76 13.72
CA VAL C 77 -3.07 2.56 14.64
C VAL C 77 -3.56 1.92 15.95
N SER C 85 -7.02 5.30 16.99
CA SER C 85 -6.34 6.37 16.27
C SER C 85 -5.99 5.95 14.84
N ARG C 86 -5.58 6.93 14.04
CA ARG C 86 -5.23 6.65 12.65
C ARG C 86 -4.13 7.57 12.15
N VAL C 87 -3.54 7.22 11.01
CA VAL C 87 -2.49 8.03 10.42
C VAL C 87 -2.70 8.09 8.91
N SER C 88 -2.32 9.20 8.29
CA SER C 88 -2.44 9.34 6.84
C SER C 88 -1.34 8.57 6.12
N THR C 89 -1.64 8.13 4.90
CA THR C 89 -0.67 7.43 4.08
C THR C 89 -0.66 8.03 2.68
N ILE C 90 0.47 7.94 2.01
CA ILE C 90 0.57 8.33 0.61
C ILE C 90 1.43 7.36 -0.18
N GLU C 91 1.04 7.14 -1.44
CA GLU C 91 1.80 6.36 -2.40
C GLU C 91 1.84 7.12 -3.71
N ILE C 92 3.05 7.46 -4.16
CA ILE C 92 3.21 8.18 -5.41
C ILE C 92 3.98 7.30 -6.40
N ALA C 93 3.25 6.78 -7.38
CA ALA C 93 3.86 5.97 -8.43
C ALA C 93 4.33 6.86 -9.57
N ILE C 94 5.63 6.79 -9.84
CA ILE C 94 6.26 7.56 -10.92
C ILE C 94 6.99 6.64 -11.90
N ARG C 95 7.12 7.10 -13.13
CA ARG C 95 7.82 6.33 -14.15
C ARG C 95 8.44 7.22 -15.22
N LYS C 96 9.47 6.69 -15.88
CA LYS C 96 10.17 7.42 -16.93
C LYS C 96 9.31 7.52 -18.19
N LYS C 97 9.27 8.70 -18.77
CA LYS C 97 8.46 8.94 -19.96
C LYS C 97 8.92 10.21 -20.69
N SER D 9 -15.03 31.46 -1.91
CA SER D 9 -13.83 30.66 -2.10
C SER D 9 -14.02 29.24 -1.62
N ASN D 10 -13.72 28.28 -2.49
CA ASN D 10 -13.84 26.87 -2.16
C ASN D 10 -12.49 26.26 -1.79
N VAL D 11 -11.55 27.13 -1.41
CA VAL D 11 -10.21 26.70 -1.06
C VAL D 11 -9.98 26.72 0.45
N VAL D 12 -9.55 25.59 0.99
CA VAL D 12 -9.13 25.51 2.39
C VAL D 12 -7.60 25.47 2.44
N LEU D 13 -7.00 26.56 2.88
CA LEU D 13 -5.55 26.67 2.95
C LEU D 13 -5.05 26.19 4.31
N ILE D 14 -4.36 25.06 4.30
CA ILE D 14 -3.82 24.47 5.53
C ILE D 14 -2.67 25.30 6.09
N GLY D 15 -2.73 25.57 7.39
CA GLY D 15 -1.68 26.31 8.07
C GLY D 15 -1.23 25.65 9.35
N LYS D 16 -0.96 26.46 10.38
CA LYS D 16 -0.41 25.94 11.63
C LYS D 16 -1.46 25.60 12.69
N LYS D 17 -2.72 25.90 12.41
CA LYS D 17 -3.79 25.62 13.36
C LYS D 17 -4.04 24.12 13.47
N PRO D 18 -4.68 23.68 14.58
CA PRO D 18 -5.05 22.26 14.72
C PRO D 18 -5.85 21.78 13.52
N VAL D 19 -5.67 20.52 13.14
CA VAL D 19 -6.28 19.98 11.92
C VAL D 19 -7.81 20.08 11.94
N MET D 20 -8.40 20.00 13.13
CA MET D 20 -9.85 20.05 13.27
C MET D 20 -10.43 21.38 12.79
N ASN D 21 -9.64 22.45 12.88
CA ASN D 21 -10.05 23.75 12.33
C ASN D 21 -10.36 23.64 10.84
N TYR D 22 -9.43 23.01 10.11
CA TYR D 22 -9.57 22.89 8.66
C TYR D 22 -10.60 21.82 8.29
N VAL D 23 -10.69 20.76 9.10
CA VAL D 23 -11.73 19.76 8.92
C VAL D 23 -13.11 20.42 9.00
N LEU D 24 -13.32 21.20 10.05
CA LEU D 24 -14.59 21.88 10.25
C LEU D 24 -14.87 22.92 9.17
N ALA D 25 -13.84 23.63 8.72
CA ALA D 25 -13.99 24.56 7.60
C ALA D 25 -14.48 23.84 6.33
N ALA D 26 -13.82 22.73 6.01
CA ALA D 26 -14.18 21.93 4.84
C ALA D 26 -15.60 21.38 4.95
N LEU D 27 -15.93 20.83 6.11
CA LEU D 27 -17.26 20.29 6.35
C LEU D 27 -18.31 21.37 6.22
N THR D 28 -18.00 22.56 6.70
CA THR D 28 -18.91 23.70 6.61
C THR D 28 -19.14 24.09 5.15
N LEU D 29 -18.07 24.10 4.37
CA LEU D 29 -18.20 24.36 2.94
C LEU D 29 -19.08 23.32 2.25
N LEU D 30 -18.84 22.05 2.56
CA LEU D 30 -19.60 20.95 1.96
C LEU D 30 -21.07 20.99 2.35
N ASN D 31 -21.34 21.39 3.59
CA ASN D 31 -22.71 21.42 4.09
C ASN D 31 -23.49 22.62 3.55
N GLN D 32 -22.76 23.62 3.06
CA GLN D 32 -23.39 24.83 2.53
C GLN D 32 -23.72 24.70 1.04
N GLY D 33 -23.49 23.53 0.48
CA GLY D 33 -23.87 23.25 -0.89
C GLY D 33 -22.76 23.38 -1.90
N VAL D 34 -21.57 23.75 -1.44
CA VAL D 34 -20.41 23.85 -2.33
C VAL D 34 -20.05 22.47 -2.85
N SER D 35 -20.23 22.28 -4.16
CA SER D 35 -20.05 20.98 -4.78
C SER D 35 -18.62 20.44 -4.65
N GLU D 36 -17.64 21.29 -4.95
CA GLU D 36 -16.25 20.88 -4.94
C GLU D 36 -15.36 21.86 -4.19
N ILE D 37 -14.55 21.33 -3.26
CA ILE D 37 -13.59 22.17 -2.54
C ILE D 37 -12.16 21.67 -2.73
N VAL D 38 -11.21 22.56 -2.53
CA VAL D 38 -9.80 22.25 -2.74
C VAL D 38 -8.96 22.52 -1.49
N ILE D 39 -8.35 21.48 -0.96
CA ILE D 39 -7.47 21.62 0.20
C ILE D 39 -6.04 21.83 -0.29
N LYS D 40 -5.42 22.94 0.11
CA LYS D 40 -4.07 23.26 -0.36
C LYS D 40 -3.07 23.39 0.79
N ALA D 41 -1.84 22.93 0.56
CA ALA D 41 -0.80 23.07 1.58
C ALA D 41 0.59 23.05 0.95
N ARG D 42 1.59 23.50 1.71
CA ARG D 42 2.97 23.41 1.26
C ARG D 42 3.91 23.03 2.40
N GLY D 43 5.02 22.41 2.06
CA GLY D 43 6.02 22.01 3.03
C GLY D 43 5.50 21.10 4.12
N ARG D 44 5.86 21.41 5.36
CA ARG D 44 5.51 20.60 6.52
C ARG D 44 4.00 20.40 6.70
N ALA D 45 3.21 21.32 6.17
CA ALA D 45 1.76 21.23 6.33
C ALA D 45 1.13 20.21 5.38
N ILE D 46 1.92 19.67 4.46
CA ILE D 46 1.39 18.76 3.46
C ILE D 46 0.65 17.57 4.06
N SER D 47 1.26 16.91 5.06
CA SER D 47 0.61 15.77 5.70
C SER D 47 -0.70 16.20 6.35
N LYS D 48 -0.71 17.40 6.94
CA LYS D 48 -1.93 17.88 7.58
C LYS D 48 -3.04 17.98 6.55
N ALA D 49 -2.68 18.41 5.33
CA ALA D 49 -3.68 18.48 4.26
C ALA D 49 -4.31 17.11 4.07
N VAL D 50 -3.46 16.10 3.98
CA VAL D 50 -3.96 14.76 3.75
C VAL D 50 -4.85 14.37 4.93
N ASP D 51 -4.39 14.70 6.14
CA ASP D 51 -5.16 14.40 7.34
C ASP D 51 -6.55 15.01 7.19
N THR D 52 -6.57 16.27 6.76
CA THR D 52 -7.81 17.01 6.69
C THR D 52 -8.79 16.27 5.78
N VAL D 53 -8.28 15.75 4.67
CA VAL D 53 -9.15 15.05 3.74
C VAL D 53 -9.66 13.79 4.42
N GLU D 54 -8.72 13.03 5.00
CA GLU D 54 -9.05 11.70 5.49
C GLU D 54 -10.07 11.76 6.62
N ILE D 55 -9.84 12.66 7.56
CA ILE D 55 -10.79 12.87 8.65
C ILE D 55 -12.16 13.20 8.06
N VAL D 56 -12.21 14.14 7.13
CA VAL D 56 -13.46 14.54 6.51
C VAL D 56 -14.13 13.31 5.92
N ARG D 57 -13.33 12.42 5.34
CA ARG D 57 -13.86 11.21 4.73
C ARG D 57 -14.22 10.18 5.78
N ASN D 58 -13.38 10.03 6.80
CA ASN D 58 -13.50 8.85 7.66
C ASN D 58 -14.32 9.08 8.92
N ARG D 59 -14.58 10.34 9.24
CA ARG D 59 -15.30 10.66 10.46
C ARG D 59 -16.70 11.19 10.15
N PHE D 60 -16.84 11.94 9.06
CA PHE D 60 -18.09 12.64 8.80
C PHE D 60 -18.81 12.19 7.52
N LEU D 61 -18.08 11.97 6.44
CA LEU D 61 -18.68 11.52 5.19
C LEU D 61 -18.06 10.21 4.69
N PRO D 62 -18.41 9.09 5.32
CA PRO D 62 -17.83 7.77 5.01
C PRO D 62 -18.06 7.32 3.58
N ASP D 63 -19.05 7.89 2.91
CA ASP D 63 -19.39 7.47 1.54
C ASP D 63 -19.71 8.65 0.62
N LYS D 64 -20.07 9.79 1.22
CA LYS D 64 -20.53 10.94 0.44
C LYS D 64 -19.40 11.82 -0.08
N ILE D 65 -18.19 11.28 -0.22
CA ILE D 65 -17.07 12.07 -0.69
C ILE D 65 -16.14 11.30 -1.62
N GLU D 66 -15.54 12.02 -2.57
CA GLU D 66 -14.58 11.42 -3.48
C GLU D 66 -13.45 12.40 -3.82
N ILE D 67 -12.26 11.87 -4.03
CA ILE D 67 -11.12 12.68 -4.40
C ILE D 67 -11.13 12.92 -5.89
N LYS D 68 -11.43 14.15 -6.30
CA LYS D 68 -11.46 14.47 -7.71
C LYS D 68 -10.05 14.48 -8.28
N GLU D 69 -9.14 15.16 -7.59
CA GLU D 69 -7.78 15.28 -8.12
C GLU D 69 -6.73 15.53 -7.04
N ILE D 70 -5.55 14.94 -7.21
CA ILE D 70 -4.42 15.27 -6.36
C ILE D 70 -3.27 15.77 -7.23
N ARG D 71 -2.78 16.97 -6.93
CA ARG D 71 -1.68 17.55 -7.68
C ARG D 71 -0.57 17.95 -6.74
N VAL D 72 0.65 17.50 -7.02
CA VAL D 72 1.80 17.93 -6.24
C VAL D 72 2.72 18.78 -7.09
N GLY D 73 3.56 19.59 -6.45
CA GLY D 73 4.47 20.43 -7.20
C GLY D 73 5.52 21.08 -6.32
N SER D 74 6.12 22.15 -6.83
CA SER D 74 7.14 22.88 -6.10
C SER D 74 7.01 24.38 -6.35
N GLN D 75 7.53 25.17 -5.42
CA GLN D 75 7.64 26.60 -5.65
C GLN D 75 8.83 27.17 -4.89
N VAL D 76 9.41 28.24 -5.44
CA VAL D 76 10.56 28.88 -4.81
C VAL D 76 10.10 29.98 -3.86
N VAL D 77 10.55 29.90 -2.60
CA VAL D 77 10.27 30.95 -1.64
C VAL D 77 11.56 31.46 -1.02
N THR D 78 11.51 32.67 -0.48
CA THR D 78 12.66 33.19 0.26
C THR D 78 12.46 32.96 1.75
N SER D 79 13.37 32.21 2.35
CA SER D 79 13.25 31.84 3.75
C SER D 79 13.45 33.03 4.69
N GLN D 80 13.36 32.78 6.00
CA GLN D 80 13.51 33.84 6.98
C GLN D 80 14.95 34.33 7.15
N ASP D 81 15.87 33.78 6.36
CA ASP D 81 17.24 34.27 6.34
C ASP D 81 17.63 34.78 4.96
N GLY D 82 16.62 35.11 4.16
CA GLY D 82 16.84 35.70 2.85
C GLY D 82 17.47 34.78 1.83
N ARG D 83 17.33 33.48 2.04
CA ARG D 83 17.90 32.51 1.10
C ARG D 83 16.79 31.81 0.31
N GLN D 84 16.97 31.71 -1.00
CA GLN D 84 15.97 31.07 -1.84
C GLN D 84 15.98 29.56 -1.66
N SER D 85 14.79 28.99 -1.54
CA SER D 85 14.63 27.57 -1.28
C SER D 85 13.43 26.99 -2.01
N ARG D 86 13.51 25.72 -2.36
CA ARG D 86 12.39 25.01 -2.98
C ARG D 86 11.49 24.44 -1.89
N VAL D 87 10.18 24.56 -2.09
CA VAL D 87 9.19 24.00 -1.16
C VAL D 87 8.15 23.20 -1.92
N SER D 88 7.84 22.01 -1.42
CA SER D 88 6.83 21.16 -2.04
C SER D 88 5.42 21.69 -1.81
N THR D 89 4.52 21.42 -2.74
CA THR D 89 3.13 21.84 -2.62
C THR D 89 2.17 20.69 -2.93
N ILE D 90 0.98 20.76 -2.35
CA ILE D 90 -0.06 19.78 -2.63
C ILE D 90 -1.45 20.43 -2.69
N GLU D 91 -2.24 19.97 -3.65
CA GLU D 91 -3.63 20.38 -3.81
C GLU D 91 -4.51 19.14 -3.95
N ILE D 92 -5.56 19.07 -3.15
CA ILE D 92 -6.48 17.95 -3.18
C ILE D 92 -7.89 18.46 -3.41
N ALA D 93 -8.42 18.22 -4.61
CA ALA D 93 -9.77 18.61 -4.95
C ALA D 93 -10.71 17.44 -4.66
N ILE D 94 -11.67 17.70 -3.78
CA ILE D 94 -12.66 16.72 -3.38
C ILE D 94 -14.08 17.25 -3.63
N ARG D 95 -15.03 16.34 -3.75
CA ARG D 95 -16.41 16.72 -3.99
C ARG D 95 -17.39 15.70 -3.41
N LYS D 96 -18.62 16.12 -3.20
CA LYS D 96 -19.66 15.23 -2.69
C LYS D 96 -20.18 14.31 -3.80
N LYS D 97 -20.50 13.07 -3.42
CA LYS D 97 -21.07 12.12 -4.37
C LYS D 97 -22.58 12.03 -4.21
#